data_5I0N
#
_entry.id   5I0N
#
_cell.length_a   78.882
_cell.length_b   102.028
_cell.length_c   78.929
_cell.angle_alpha   90.00
_cell.angle_beta   90.00
_cell.angle_gamma   90.00
#
_symmetry.space_group_name_H-M   'P 21 21 2'
#
loop_
_entity.id
_entity.type
_entity.pdbx_description
1 polymer 'Phosphatidylinositol 4-kinase type 2-alpha,Lysozyme,Phosphatidylinositol 4-kinase type 2-alpha'
2 non-polymer "ADENOSINE-5'-TRIPHOSPHATE"
3 non-polymer 'CALCIUM ION'
4 water water
#
_entity_poly.entity_id   1
_entity_poly.type   'polypeptide(L)'
_entity_poly.pdbx_seq_one_letter_code
;GAMGTVAAQAQALAAQAAAAAHAAQAHRERNEFPEDPEFEAVVRQAELAIERCIFPERIYQGSSGSYFVKDPQGRIIAVF
KPKNEEPYGHLNPKWTKWLQKGTGNIFEMLRIDEGLRLKIYKDTEGYYTIGIGHLLTKSPSLNAAKSELDKAIGRNTNGV
ITKDEAEKLFNQDVDAAVRGILRNAKLKPVYDSLDAVRRAALINMVFQMGETGVAGFTNSLRMLQQKRWDEAAVNLAKSR
WYNQTPNRAKRVITTFRTGTWDAYKNLGRDCLVLNQGYLSEAGASLVDQKLELNIVPRTKVVYLASETFNYSAIDRVKSR
GKRLALEKVPKVGQRFNRIGLPPKVGSFQLFVEGYKDADYWLRRFEAEPLPENTNRQLLLQFERLVVLDYIIRNTDRGND
NWLIKYDCPMDSSSSRDTDWVVVKEPVIKVAAIDNGLAFPLKHPDSWRAYPFYWAWLPQAKVPFSQEIKDLILPKISDPN
FVKDLEEDLYELFKKDPGFDRGQFHKQIAVMRGQILNLTQALKDNKSPLHLVQMPPVIVETARSHQRSSSESYTQS
;
_entity_poly.pdbx_strand_id   A
#
loop_
_chem_comp.id
_chem_comp.type
_chem_comp.name
_chem_comp.formula
ATP non-polymer ADENOSINE-5'-TRIPHOSPHATE 'C10 H16 N5 O13 P3'
CA non-polymer 'CALCIUM ION' 'Ca 2'
#
# COMPACT_ATOMS: atom_id res chain seq x y z
N GLU A 29 -4.80 12.67 -19.69
CA GLU A 29 -4.97 14.09 -19.45
C GLU A 29 -6.41 14.52 -19.66
N ARG A 30 -7.00 14.09 -20.78
CA ARG A 30 -8.39 14.41 -21.09
C ARG A 30 -9.33 13.34 -20.54
N ASN A 31 -10.03 13.67 -19.47
CA ASN A 31 -10.94 12.73 -18.82
C ASN A 31 -12.15 12.38 -19.68
N GLU A 32 -11.91 11.69 -20.80
CA GLU A 32 -12.98 11.33 -21.71
C GLU A 32 -13.41 9.87 -21.54
N PHE A 33 -14.72 9.63 -21.55
CA PHE A 33 -15.27 8.29 -21.38
C PHE A 33 -16.55 8.14 -22.20
N PRO A 34 -16.40 7.85 -23.49
CA PRO A 34 -17.56 7.71 -24.40
C PRO A 34 -18.45 6.54 -24.01
N GLU A 35 -17.86 5.54 -23.38
CA GLU A 35 -18.59 4.41 -22.87
C GLU A 35 -19.52 4.78 -21.75
N ASP A 36 -19.14 5.79 -20.98
CA ASP A 36 -19.91 6.21 -19.83
C ASP A 36 -20.20 7.71 -19.76
N PRO A 37 -21.27 8.12 -20.57
CA PRO A 37 -21.52 9.56 -20.53
C PRO A 37 -21.94 10.15 -19.20
N GLU A 38 -22.67 9.43 -18.36
CA GLU A 38 -22.97 9.98 -17.04
C GLU A 38 -21.74 10.23 -16.21
N PHE A 39 -20.79 9.30 -16.23
CA PHE A 39 -19.58 9.44 -15.43
C PHE A 39 -18.75 10.63 -15.93
N GLU A 40 -18.65 10.76 -17.25
CA GLU A 40 -17.91 11.86 -17.85
C GLU A 40 -18.56 13.19 -17.50
N ALA A 41 -19.88 13.20 -17.41
CA ALA A 41 -20.62 14.41 -17.05
C ALA A 41 -20.32 14.81 -15.60
N VAL A 42 -20.23 13.80 -14.73
CA VAL A 42 -19.92 14.04 -13.32
C VAL A 42 -18.53 14.63 -13.17
N VAL A 43 -17.59 14.13 -13.99
CA VAL A 43 -16.22 14.65 -13.97
C VAL A 43 -16.18 16.09 -14.46
N ARG A 44 -16.97 16.39 -15.48
CA ARG A 44 -17.02 17.74 -16.04
C ARG A 44 -17.47 18.74 -14.97
N GLN A 45 -18.43 18.34 -14.15
CA GLN A 45 -18.92 19.19 -13.07
C GLN A 45 -17.85 19.38 -12.00
N ALA A 46 -17.01 18.36 -11.81
CA ALA A 46 -15.91 18.45 -10.87
C ALA A 46 -14.88 19.46 -11.36
N GLU A 47 -14.56 19.38 -12.65
CA GLU A 47 -13.62 20.31 -13.28
C GLU A 47 -14.16 21.74 -13.21
N LEU A 48 -15.43 21.90 -13.52
CA LEU A 48 -16.07 23.20 -13.49
C LEU A 48 -16.09 23.78 -12.08
N ALA A 49 -16.31 22.91 -11.09
CA ALA A 49 -16.34 23.33 -9.70
C ALA A 49 -14.99 23.85 -9.25
N ILE A 50 -13.93 23.18 -9.69
CA ILE A 50 -12.57 23.56 -9.34
C ILE A 50 -12.20 24.90 -9.96
N GLU A 51 -12.66 25.15 -11.18
CA GLU A 51 -12.41 26.41 -11.86
C GLU A 51 -13.03 27.57 -11.08
N ARG A 52 -14.23 27.35 -10.56
CA ARG A 52 -14.93 28.36 -9.76
C ARG A 52 -14.47 28.32 -8.31
N CYS A 53 -13.37 27.62 -8.07
CA CYS A 53 -12.72 27.59 -6.76
C CYS A 53 -13.55 26.91 -5.67
N ILE A 54 -14.44 26.02 -6.07
CA ILE A 54 -15.07 25.10 -5.12
C ILE A 54 -14.26 23.80 -5.10
N PHE A 55 -13.19 23.80 -4.32
CA PHE A 55 -12.25 22.68 -4.31
C PHE A 55 -12.72 21.50 -3.46
N PRO A 56 -12.29 20.29 -3.84
CA PRO A 56 -12.57 19.07 -3.06
C PRO A 56 -11.93 19.15 -1.68
N GLU A 57 -12.70 18.90 -0.63
CA GLU A 57 -12.17 18.95 0.72
C GLU A 57 -11.66 17.58 1.15
N ARG A 58 -10.58 17.59 1.92
CA ARG A 58 -9.96 16.37 2.41
C ARG A 58 -10.92 15.63 3.35
N ILE A 59 -11.18 14.35 3.06
CA ILE A 59 -12.06 13.54 3.88
C ILE A 59 -11.49 13.41 5.29
N TYR A 60 -10.32 12.78 5.39
CA TYR A 60 -9.58 12.72 6.64
C TYR A 60 -10.35 12.07 7.78
N GLN A 61 -10.92 10.90 7.52
CA GLN A 61 -11.66 10.16 8.55
C GLN A 61 -12.19 8.84 7.99
N SER A 64 -6.30 9.58 4.32
CA SER A 64 -5.25 10.60 4.34
C SER A 64 -5.09 11.25 2.98
N GLY A 65 -5.14 10.43 1.93
CA GLY A 65 -5.01 10.92 0.56
C GLY A 65 -6.33 10.96 -0.18
N SER A 66 -7.42 11.14 0.55
CA SER A 66 -8.76 11.14 -0.05
C SER A 66 -9.47 12.47 0.08
N TYR A 67 -10.26 12.81 -0.93
CA TYR A 67 -10.97 14.09 -0.96
C TYR A 67 -12.42 13.92 -1.40
N PHE A 68 -13.32 14.67 -0.78
CA PHE A 68 -14.70 14.73 -1.23
C PHE A 68 -14.85 15.73 -2.36
N VAL A 69 -14.91 15.24 -3.59
CA VAL A 69 -15.09 16.10 -4.76
C VAL A 69 -16.49 16.70 -4.76
N LYS A 70 -16.57 18.00 -5.03
CA LYS A 70 -17.86 18.69 -5.03
C LYS A 70 -18.18 19.30 -6.39
N ASP A 71 -19.46 19.56 -6.63
CA ASP A 71 -19.89 20.27 -7.83
C ASP A 71 -19.87 21.78 -7.58
N PRO A 72 -20.17 22.57 -8.61
CA PRO A 72 -20.23 24.03 -8.47
C PRO A 72 -21.23 24.47 -7.40
N GLN A 73 -22.23 23.64 -7.14
CA GLN A 73 -23.26 23.95 -6.16
C GLN A 73 -22.83 23.56 -4.75
N GLY A 74 -21.64 22.98 -4.62
CA GLY A 74 -21.11 22.59 -3.33
C GLY A 74 -21.49 21.20 -2.88
N ARG A 75 -22.31 20.53 -3.68
CA ARG A 75 -22.73 19.16 -3.36
C ARG A 75 -21.62 18.15 -3.66
N ILE A 76 -21.43 17.21 -2.73
CA ILE A 76 -20.44 16.16 -2.91
C ILE A 76 -20.88 15.19 -4.00
N ILE A 77 -20.01 14.94 -4.96
CA ILE A 77 -20.35 14.13 -6.12
C ILE A 77 -19.45 12.91 -6.30
N ALA A 78 -18.33 12.89 -5.60
CA ALA A 78 -17.38 11.78 -5.74
C ALA A 78 -16.27 11.78 -4.72
N VAL A 79 -15.59 10.64 -4.60
CA VAL A 79 -14.41 10.51 -3.77
C VAL A 79 -13.17 10.35 -4.65
N PHE A 80 -12.17 11.20 -4.43
CA PHE A 80 -10.97 11.17 -5.25
C PHE A 80 -9.74 10.81 -4.43
N LYS A 81 -8.96 9.86 -4.94
CA LYS A 81 -7.76 9.40 -4.26
C LYS A 81 -6.57 9.39 -5.21
N PRO A 82 -5.78 10.48 -5.22
CA PRO A 82 -4.62 10.60 -6.09
C PRO A 82 -3.55 9.55 -5.79
N LYS A 83 -2.83 9.11 -6.81
CA LYS A 83 -1.83 8.07 -6.67
C LYS A 83 -0.70 8.47 -5.71
N ASN A 84 -0.14 9.66 -5.92
CA ASN A 84 1.02 10.11 -5.15
C ASN A 84 0.68 10.49 -3.72
N GLU A 85 -0.59 10.40 -3.34
CA GLU A 85 -1.00 10.72 -1.98
C GLU A 85 -1.44 9.46 -1.21
N GLU A 86 -1.29 8.31 -1.85
CA GLU A 86 -1.58 7.03 -1.19
C GLU A 86 -0.57 6.79 -0.06
N PRO A 87 -0.84 5.79 0.79
CA PRO A 87 0.04 5.47 1.92
C PRO A 87 1.50 5.31 1.50
N TYR A 88 1.73 4.82 0.30
CA TYR A 88 3.07 4.69 -0.25
C TYR A 88 3.42 5.85 -1.18
N GLY A 89 2.44 6.71 -1.44
CA GLY A 89 2.62 7.84 -2.34
C GLY A 89 3.77 8.75 -1.93
N HIS A 90 4.51 9.25 -2.91
CA HIS A 90 5.66 10.10 -2.62
CA HIS A 90 5.65 10.11 -2.65
C HIS A 90 5.22 11.45 -2.04
N LEU A 91 4.04 11.91 -2.42
CA LEU A 91 3.52 13.17 -1.89
C LEU A 91 2.51 12.95 -0.77
N ASN A 92 2.57 11.78 -0.14
CA ASN A 92 1.74 11.51 1.02
C ASN A 92 2.09 12.46 2.15
N PRO A 93 1.09 13.22 2.64
CA PRO A 93 1.28 14.18 3.73
C PRO A 93 1.83 13.54 5.01
N LYS A 94 1.72 12.22 5.10
CA LYS A 94 2.20 11.51 6.28
C LYS A 94 3.71 11.28 6.24
N TRP A 95 4.28 11.29 5.04
CA TRP A 95 5.71 11.02 4.87
C TRP A 95 6.52 12.29 4.60
N THR A 96 5.83 13.42 4.49
CA THR A 96 6.48 14.68 4.14
C THR A 96 7.51 15.13 5.18
N LYS A 97 7.29 14.76 6.44
CA LYS A 97 8.24 15.07 7.50
C LYS A 97 9.57 14.39 7.21
N TRP A 98 9.50 13.13 6.78
CA TRP A 98 10.68 12.38 6.36
C TRP A 98 11.40 13.07 5.20
N LEU A 99 10.64 13.77 4.36
CA LEU A 99 11.17 14.37 3.14
C LEU A 99 12.24 15.45 3.41
N GLN A 100 11.94 16.39 4.28
CA GLN A 100 12.77 17.57 4.47
C GLN A 100 14.02 17.33 5.30
N LYS A 101 13.97 16.37 6.21
CA LYS A 101 15.06 16.14 7.16
C LYS A 101 16.42 15.93 6.50
N GLY A 102 16.12 13.51 3.14
CA GLY A 102 17.23 14.18 3.79
C GLY A 102 18.02 13.24 4.67
N THR A 103 19.33 13.47 4.75
CA THR A 103 20.23 12.57 5.47
C THR A 103 19.90 12.49 6.96
N GLY A 104 19.23 13.51 7.48
CA GLY A 104 18.87 13.57 8.89
C GLY A 104 18.05 12.38 9.37
N ASN A 105 17.54 11.60 8.41
CA ASN A 105 16.73 10.42 8.72
C ASN A 105 17.54 9.16 8.98
N ILE A 106 18.86 9.31 9.03
CA ILE A 106 19.73 8.18 9.31
C ILE A 106 19.45 7.61 10.69
N PHE A 107 19.05 8.50 11.61
CA PHE A 107 18.72 8.10 12.97
C PHE A 107 17.54 7.14 13.01
N GLU A 108 16.41 7.57 12.46
CA GLU A 108 15.21 6.73 12.42
C GLU A 108 15.45 5.51 11.55
N MET A 109 16.27 5.68 10.52
CA MET A 109 16.61 4.58 9.61
C MET A 109 17.36 3.48 10.37
N LEU A 110 18.33 3.87 11.18
CA LEU A 110 19.12 2.92 11.95
C LEU A 110 18.33 2.30 13.09
N ARG A 111 17.41 3.07 13.67
CA ARG A 111 16.56 2.55 14.73
C ARG A 111 15.69 1.40 14.22
N ILE A 112 15.33 1.48 12.94
CA ILE A 112 14.51 0.46 12.31
C ILE A 112 15.33 -0.80 12.03
N ASP A 113 16.58 -0.62 11.63
CA ASP A 113 17.46 -1.73 11.32
C ASP A 113 18.06 -2.38 12.56
N GLU A 114 18.33 -1.55 13.57
CA GLU A 114 19.03 -2.02 14.76
C GLU A 114 18.10 -2.37 15.92
N GLY A 115 17.02 -1.61 16.06
CA GLY A 115 16.10 -1.79 17.17
C GLY A 115 16.67 -1.29 18.48
N LEU A 116 16.06 -1.68 19.59
CA LEU A 116 16.50 -1.24 20.90
C LEU A 116 16.53 -2.38 21.91
N ARG A 117 17.68 -2.55 22.57
CA ARG A 117 17.83 -3.56 23.62
C ARG A 117 18.65 -3.02 24.78
N LEU A 118 18.08 -3.09 25.97
CA LEU A 118 18.69 -2.51 27.16
C LEU A 118 19.64 -3.48 27.86
N LYS A 119 19.81 -4.67 27.29
CA LYS A 119 20.71 -5.67 27.84
C LYS A 119 21.64 -6.20 26.75
N ILE A 120 22.83 -6.63 27.16
CA ILE A 120 23.82 -7.15 26.22
C ILE A 120 23.29 -8.36 25.46
N TYR A 121 23.63 -8.42 24.17
CA TYR A 121 23.19 -9.51 23.31
C TYR A 121 24.17 -9.73 22.17
N LYS A 122 24.07 -10.88 21.51
CA LYS A 122 24.94 -11.20 20.39
C LYS A 122 24.28 -10.84 19.06
N ASP A 123 25.04 -10.16 18.20
CA ASP A 123 24.55 -9.85 16.85
C ASP A 123 24.65 -11.08 15.96
N THR A 124 24.38 -10.90 14.67
CA THR A 124 24.47 -11.99 13.70
C THR A 124 25.89 -12.55 13.64
N GLU A 125 26.87 -11.66 13.82
CA GLU A 125 28.28 -12.05 13.82
C GLU A 125 28.67 -12.75 15.12
N GLY A 126 27.74 -12.74 16.09
CA GLY A 126 27.98 -13.38 17.37
C GLY A 126 28.76 -12.51 18.33
N TYR A 127 28.88 -11.22 18.00
CA TYR A 127 29.60 -10.27 18.84
C TYR A 127 28.66 -9.57 19.82
N TYR A 128 29.17 -9.29 21.02
CA TYR A 128 28.36 -8.65 22.05
C TYR A 128 27.95 -7.24 21.64
N THR A 129 26.68 -6.92 21.90
CA THR A 129 26.11 -5.65 21.47
C THR A 129 25.06 -5.19 22.48
N ILE A 130 24.68 -3.93 22.41
CA ILE A 130 23.67 -3.37 23.31
C ILE A 130 23.14 -2.05 22.78
N GLY A 131 22.01 -1.61 23.30
CA GLY A 131 21.40 -0.38 22.85
C GLY A 131 20.92 -0.47 21.42
N ILE A 132 21.31 0.51 20.61
CA ILE A 132 20.94 0.54 19.19
C ILE A 132 22.12 0.09 18.32
N GLY A 133 22.37 -1.21 18.31
CA GLY A 133 23.41 -1.79 17.47
C GLY A 133 24.83 -1.39 17.84
N HIS A 134 25.03 -0.94 19.07
CA HIS A 134 26.35 -0.54 19.52
C HIS A 134 27.25 -1.75 19.82
N LEU A 135 28.26 -1.95 18.98
CA LEU A 135 29.21 -3.04 19.17
C LEU A 135 30.10 -2.76 20.38
N LEU A 136 30.14 -3.70 21.31
CA LEU A 136 30.94 -3.56 22.52
C LEU A 136 32.33 -4.15 22.37
N THR A 137 32.43 -5.31 21.73
CA THR A 137 33.70 -5.99 21.57
C THR A 137 33.57 -7.23 20.67
N LYS A 138 34.70 -7.71 20.17
CA LYS A 138 34.71 -8.91 19.34
C LYS A 138 35.16 -10.10 20.16
N SER A 139 35.37 -9.88 21.46
CA SER A 139 35.80 -10.94 22.37
C SER A 139 34.63 -11.82 22.81
N PRO A 140 34.90 -13.13 22.96
CA PRO A 140 33.91 -14.11 23.43
C PRO A 140 33.58 -13.93 24.91
N SER A 141 34.35 -13.11 25.61
CA SER A 141 34.17 -12.88 27.03
C SER A 141 33.06 -11.88 27.32
N LEU A 142 32.02 -12.32 28.02
CA LEU A 142 30.92 -11.45 28.41
C LEU A 142 31.39 -10.41 29.42
N ASN A 143 32.40 -10.78 30.20
CA ASN A 143 32.98 -9.86 31.18
C ASN A 143 33.73 -8.72 30.50
N ALA A 144 34.41 -9.04 29.41
CA ALA A 144 35.12 -8.03 28.63
C ALA A 144 34.13 -7.04 28.02
N ALA A 145 32.98 -7.57 27.62
CA ALA A 145 31.92 -6.74 27.05
C ALA A 145 31.34 -5.80 28.11
N LYS A 146 31.07 -6.35 29.29
CA LYS A 146 30.57 -5.56 30.41
C LYS A 146 31.56 -4.47 30.79
N SER A 147 32.85 -4.79 30.65
CA SER A 147 33.92 -3.84 30.94
C SER A 147 33.88 -2.68 29.96
N GLU A 148 33.75 -3.00 28.68
CA GLU A 148 33.68 -1.99 27.64
C GLU A 148 32.42 -1.14 27.79
N LEU A 149 31.39 -1.74 28.38
CA LEU A 149 30.13 -1.04 28.59
C LEU A 149 30.20 -0.08 29.78
N ASP A 150 30.83 -0.52 30.83
CA ASP A 150 30.97 0.28 32.01
C ASP A 150 31.80 1.50 31.67
N LYS A 151 32.83 1.30 30.89
CA LYS A 151 33.66 2.38 30.48
C LYS A 151 32.89 3.37 29.62
N ALA A 152 32.10 2.87 28.68
CA ALA A 152 31.33 3.72 27.80
C ALA A 152 30.26 4.54 28.48
N ILE A 153 29.56 3.93 29.40
CA ILE A 153 28.49 4.60 30.15
C ILE A 153 29.04 5.37 31.35
N GLY A 154 30.13 4.86 31.92
CA GLY A 154 30.74 5.49 33.08
C GLY A 154 30.12 5.07 34.39
N ARG A 155 29.86 3.78 34.54
CA ARG A 155 29.29 3.23 35.77
C ARG A 155 29.16 1.71 35.68
N ASN A 156 28.94 1.06 36.83
CA ASN A 156 28.74 -0.38 36.85
C ASN A 156 27.31 -0.72 36.41
N THR A 157 27.18 -1.23 35.19
CA THR A 157 25.87 -1.54 34.63
C THR A 157 25.56 -3.02 34.70
N ASN A 158 26.59 -3.86 34.63
CA ASN A 158 26.43 -5.30 34.62
C ASN A 158 25.61 -5.76 33.42
N GLY A 159 25.75 -5.05 32.31
CA GLY A 159 25.08 -5.41 31.07
C GLY A 159 23.72 -4.77 30.86
N VAL A 160 23.31 -3.92 31.78
CA VAL A 160 22.01 -3.27 31.69
C VAL A 160 22.11 -1.75 31.65
N ILE A 161 21.51 -1.15 30.63
CA ILE A 161 21.48 0.31 30.49
C ILE A 161 20.06 0.82 30.27
N THR A 162 19.89 2.13 30.44
CA THR A 162 18.59 2.76 30.20
C THR A 162 18.47 3.18 28.74
N LYS A 163 17.25 3.55 28.33
CA LYS A 163 16.99 3.96 26.96
C LYS A 163 17.74 5.25 26.61
N ASP A 164 17.79 6.18 27.56
CA ASP A 164 18.49 7.44 27.36
C ASP A 164 19.98 7.21 27.14
N GLU A 165 20.54 6.26 27.89
CA GLU A 165 21.95 5.91 27.73
C GLU A 165 22.19 5.27 26.36
N ALA A 166 21.21 4.53 25.88
CA ALA A 166 21.29 3.91 24.56
C ALA A 166 21.26 4.97 23.46
N GLU A 167 20.44 6.00 23.66
CA GLU A 167 20.31 7.09 22.70
C GLU A 167 21.60 7.91 22.63
N LYS A 168 22.24 8.10 23.78
CA LYS A 168 23.51 8.83 23.83
C LYS A 168 24.59 8.11 23.04
N LEU A 169 24.73 6.82 23.30
CA LEU A 169 25.69 5.99 22.58
C LEU A 169 25.38 5.98 21.09
N PHE A 170 24.10 5.97 20.77
CA PHE A 170 23.66 5.95 19.38
C PHE A 170 24.08 7.23 18.66
N ASN A 171 23.94 8.35 19.35
CA ASN A 171 24.37 9.64 18.80
C ASN A 171 25.87 9.67 18.52
N GLN A 172 26.64 9.07 19.43
CA GLN A 172 28.08 9.00 19.29
C GLN A 172 28.48 8.10 18.11
N ASP A 173 27.82 6.95 18.00
CA ASP A 173 28.12 6.01 16.94
C ASP A 173 27.80 6.58 15.57
N VAL A 174 26.79 7.44 15.51
CA VAL A 174 26.42 8.09 14.26
C VAL A 174 27.48 9.11 13.85
N ASP A 175 27.96 9.88 14.82
CA ASP A 175 29.02 10.85 14.56
C ASP A 175 30.30 10.15 14.12
N ALA A 176 30.61 9.02 14.75
CA ALA A 176 31.79 8.25 14.43
C ALA A 176 31.72 7.69 13.01
N ALA A 177 30.51 7.28 12.61
CA ALA A 177 30.30 6.74 11.27
C ALA A 177 30.53 7.81 10.21
N VAL A 178 30.01 9.01 10.46
CA VAL A 178 30.22 10.13 9.56
C VAL A 178 31.69 10.54 9.53
N ARG A 179 32.30 10.58 10.71
CA ARG A 179 33.71 10.94 10.84
C ARG A 179 34.60 9.97 10.07
N GLY A 180 34.29 8.67 10.17
CA GLY A 180 35.04 7.65 9.45
C GLY A 180 34.91 7.82 7.95
N ILE A 181 33.74 8.26 7.51
CA ILE A 181 33.49 8.48 6.08
C ILE A 181 34.30 9.66 5.55
N LEU A 182 34.12 10.82 6.17
CA LEU A 182 34.76 12.04 5.71
C LEU A 182 36.28 11.99 5.88
N ARG A 183 36.76 11.14 6.78
CA ARG A 183 38.20 10.98 7.00
C ARG A 183 38.84 10.12 5.91
N ASN A 184 38.09 9.15 5.40
CA ASN A 184 38.62 8.22 4.41
C ASN A 184 38.74 8.86 3.03
N ALA A 185 39.80 8.50 2.30
CA ALA A 185 40.06 9.06 0.98
C ALA A 185 39.20 8.40 -0.10
N LYS A 186 38.85 7.14 0.12
CA LYS A 186 38.04 6.39 -0.85
C LYS A 186 36.55 6.65 -0.67
N LEU A 187 36.13 6.87 0.57
CA LEU A 187 34.71 7.03 0.89
C LEU A 187 34.21 8.46 0.66
N LYS A 188 35.05 9.45 0.98
CA LYS A 188 34.67 10.85 0.89
C LYS A 188 34.19 11.26 -0.50
N PRO A 189 34.95 10.87 -1.55
CA PRO A 189 34.57 11.19 -2.94
C PRO A 189 33.19 10.66 -3.31
N VAL A 190 32.88 9.43 -2.91
CA VAL A 190 31.57 8.86 -3.20
C VAL A 190 30.47 9.55 -2.38
N TYR A 191 30.85 10.08 -1.23
CA TYR A 191 29.90 10.60 -0.27
C TYR A 191 29.33 11.98 -0.63
N ASP A 192 30.21 12.92 -0.95
CA ASP A 192 29.77 14.28 -1.26
C ASP A 192 29.04 14.36 -2.60
N SER A 193 29.36 13.43 -3.49
CA SER A 193 28.71 13.38 -4.80
C SER A 193 27.31 12.78 -4.70
N LEU A 194 27.05 12.08 -3.60
CA LEU A 194 25.75 11.46 -3.37
C LEU A 194 24.72 12.47 -2.87
N ASP A 195 23.45 12.23 -3.19
CA ASP A 195 22.37 13.06 -2.68
C ASP A 195 22.16 12.79 -1.20
N ALA A 196 21.26 13.54 -0.56
CA ALA A 196 21.04 13.44 0.87
C ALA A 196 20.61 12.03 1.30
N VAL A 197 19.68 11.45 0.56
CA VAL A 197 19.15 10.13 0.89
C VAL A 197 20.19 9.02 0.74
N ARG A 198 20.94 9.07 -0.36
CA ARG A 198 21.94 8.05 -0.63
C ARG A 198 23.13 8.15 0.33
N ARG A 199 23.33 9.32 0.91
CA ARG A 199 24.38 9.50 1.91
C ARG A 199 24.08 8.73 3.18
N ALA A 200 22.81 8.78 3.61
CA ALA A 200 22.38 8.06 4.80
C ALA A 200 22.59 6.56 4.62
N ALA A 201 22.44 6.09 3.39
CA ALA A 201 22.67 4.68 3.07
C ALA A 201 24.13 4.31 3.29
N LEU A 202 25.03 5.19 2.89
CA LEU A 202 26.46 4.96 3.08
C LEU A 202 26.83 5.03 4.56
N ILE A 203 26.21 5.98 5.27
CA ILE A 203 26.40 6.10 6.71
C ILE A 203 25.93 4.83 7.41
N ASN A 204 24.86 4.25 6.88
CA ASN A 204 24.30 3.01 7.42
C ASN A 204 25.31 1.88 7.37
N MET A 205 25.97 1.73 6.23
CA MET A 205 26.98 0.68 6.04
C MET A 205 28.18 0.91 6.95
N VAL A 206 28.64 2.16 7.02
CA VAL A 206 29.76 2.51 7.88
C VAL A 206 29.41 2.28 9.34
N PHE A 207 28.14 2.48 9.68
CA PHE A 207 27.66 2.26 11.03
C PHE A 207 27.74 0.78 11.41
N GLN A 208 27.43 -0.07 10.44
CA GLN A 208 27.41 -1.52 10.67
C GLN A 208 28.78 -2.17 10.52
N MET A 209 29.54 -1.73 9.53
CA MET A 209 30.81 -2.38 9.19
C MET A 209 32.04 -1.54 9.54
N GLY A 210 31.83 -0.24 9.73
CA GLY A 210 32.94 0.65 10.04
C GLY A 210 33.61 1.22 8.81
N GLU A 211 34.50 2.19 9.03
CA GLU A 211 35.19 2.87 7.94
C GLU A 211 36.01 1.92 7.06
N THR A 212 36.83 1.10 7.70
CA THR A 212 37.71 0.16 6.99
C THR A 212 36.93 -0.81 6.11
N GLY A 213 35.86 -1.38 6.66
CA GLY A 213 35.09 -2.38 5.96
C GLY A 213 34.38 -1.87 4.72
N VAL A 214 33.72 -0.72 4.87
CA VAL A 214 32.96 -0.13 3.76
C VAL A 214 33.89 0.27 2.61
N ALA A 215 35.10 0.68 2.94
CA ALA A 215 36.08 1.08 1.94
C ALA A 215 36.48 -0.11 1.07
N GLY A 216 36.28 -1.32 1.59
CA GLY A 216 36.61 -2.53 0.87
C GLY A 216 35.74 -2.75 -0.36
N PHE A 217 34.64 -2.01 -0.43
CA PHE A 217 33.72 -2.09 -1.57
C PHE A 217 34.16 -1.17 -2.70
N THR A 218 35.37 -1.38 -3.21
CA THR A 218 35.96 -0.52 -4.22
C THR A 218 35.08 -0.39 -5.47
N ASN A 219 34.65 -1.52 -6.01
CA ASN A 219 33.82 -1.52 -7.22
C ASN A 219 32.51 -0.76 -7.03
N SER A 220 31.72 -1.20 -6.04
CA SER A 220 30.42 -0.61 -5.79
C SER A 220 30.52 0.89 -5.50
N LEU A 221 31.61 1.28 -4.86
CA LEU A 221 31.83 2.68 -4.52
C LEU A 221 32.03 3.54 -5.77
N ARG A 222 32.70 2.98 -6.77
CA ARG A 222 32.95 3.73 -8.00
C ARG A 222 31.65 3.97 -8.77
N MET A 223 30.85 2.93 -8.92
CA MET A 223 29.59 3.02 -9.65
C MET A 223 28.65 4.03 -9.00
N LEU A 224 28.62 4.02 -7.66
CA LEU A 224 27.82 4.99 -6.91
C LEU A 224 28.23 6.41 -7.26
N GLN A 225 29.53 6.60 -7.47
CA GLN A 225 30.08 7.91 -7.82
C GLN A 225 29.63 8.32 -9.21
N GLN A 226 29.59 7.34 -10.12
CA GLN A 226 29.21 7.59 -11.51
C GLN A 226 27.70 7.54 -11.70
N LYS A 227 27.00 7.43 -10.59
CA LYS A 227 25.56 7.45 -10.55
C LYS A 227 24.95 6.18 -11.09
N ARG A 228 25.74 5.13 -11.27
CA ARG A 228 25.21 3.93 -11.88
C ARG A 228 24.47 3.13 -10.84
N TRP A 229 23.27 3.58 -10.53
CA TRP A 229 22.56 3.02 -9.43
C TRP A 229 22.23 1.56 -9.55
N ASP A 230 21.67 1.13 -10.66
CA ASP A 230 21.28 -0.26 -10.80
C ASP A 230 22.49 -1.14 -10.84
N GLU A 231 23.48 -0.67 -11.57
CA GLU A 231 24.71 -1.45 -11.69
C GLU A 231 25.28 -1.76 -10.31
N ALA A 232 25.29 -0.74 -9.45
CA ALA A 232 25.87 -0.87 -8.12
C ALA A 232 25.03 -1.77 -7.21
N ALA A 233 23.71 -1.58 -7.24
CA ALA A 233 22.80 -2.34 -6.39
C ALA A 233 22.92 -3.84 -6.64
N VAL A 234 23.37 -4.21 -7.84
CA VAL A 234 23.56 -5.61 -8.18
C VAL A 234 24.77 -6.21 -7.48
N ASN A 235 25.96 -5.66 -7.77
CA ASN A 235 27.19 -6.21 -7.24
C ASN A 235 27.38 -5.93 -5.76
N LEU A 236 26.50 -5.11 -5.18
CA LEU A 236 26.51 -4.89 -3.74
C LEU A 236 25.98 -6.12 -3.01
N ALA A 237 25.06 -6.82 -3.65
CA ALA A 237 24.52 -8.07 -3.11
C ALA A 237 25.58 -9.17 -3.19
N LYS A 238 26.68 -8.89 -3.87
CA LYS A 238 27.81 -9.80 -3.95
C LYS A 238 28.81 -9.56 -2.82
N SER A 239 28.42 -9.90 -1.60
CA SER A 239 29.30 -9.74 -0.45
C SER A 239 28.71 -10.44 0.77
N ARG A 240 29.58 -10.73 1.74
CA ARG A 240 29.15 -11.39 2.96
C ARG A 240 28.13 -10.53 3.71
N TRP A 241 28.23 -9.22 3.53
CA TRP A 241 27.30 -8.28 4.16
C TRP A 241 25.87 -8.59 3.76
N TYR A 242 25.64 -8.75 2.47
CA TYR A 242 24.32 -9.14 1.97
C TYR A 242 23.98 -10.56 2.40
N ASN A 243 24.97 -11.44 2.33
CA ASN A 243 24.76 -12.85 2.67
C ASN A 243 24.51 -13.03 4.16
N GLN A 244 25.28 -12.33 4.99
CA GLN A 244 25.15 -12.43 6.45
C GLN A 244 23.84 -11.82 6.92
N THR A 245 23.51 -10.64 6.41
CA THR A 245 22.28 -9.96 6.77
C THR A 245 21.56 -9.44 5.52
N PRO A 246 20.83 -10.32 4.85
CA PRO A 246 20.14 -10.05 3.58
C PRO A 246 19.03 -9.03 3.70
N ASN A 247 18.16 -9.19 4.70
CA ASN A 247 17.02 -8.30 4.87
C ASN A 247 17.44 -6.84 5.08
N ARG A 248 18.45 -6.64 5.89
CA ARG A 248 19.03 -5.33 6.03
C ARG A 248 19.71 -4.81 4.80
N ALA A 249 20.44 -5.68 4.13
CA ALA A 249 21.16 -5.29 2.96
C ALA A 249 20.22 -4.86 1.86
N LYS A 250 19.12 -5.58 1.71
CA LYS A 250 18.11 -5.31 0.69
C LYS A 250 17.46 -3.95 0.90
N ARG A 251 17.23 -3.58 2.15
CA ARG A 251 16.66 -2.28 2.47
C ARG A 251 17.64 -1.16 2.12
N VAL A 252 18.91 -1.37 2.44
CA VAL A 252 19.93 -0.36 2.20
C VAL A 252 20.27 -0.25 0.71
N ILE A 253 20.29 -1.38 0.03
CA ILE A 253 20.65 -1.40 -1.40
C ILE A 253 19.59 -0.74 -2.27
N THR A 254 18.32 -1.04 -1.99
CA THR A 254 17.22 -0.40 -2.72
C THR A 254 17.21 1.09 -2.45
N THR A 255 17.66 1.47 -1.26
CA THR A 255 17.80 2.88 -0.90
C THR A 255 18.82 3.55 -1.80
N PHE A 256 19.91 2.82 -2.09
CA PHE A 256 20.93 3.30 -3.02
C PHE A 256 20.39 3.34 -4.44
N ARG A 257 19.47 2.43 -4.75
CA ARG A 257 18.93 2.30 -6.09
C ARG A 257 17.89 3.38 -6.42
N THR A 258 16.84 3.45 -5.59
CA THR A 258 15.73 4.36 -5.84
C THR A 258 15.98 5.76 -5.28
N GLY A 259 16.90 5.85 -4.32
CA GLY A 259 17.17 7.11 -3.65
C GLY A 259 15.98 7.59 -2.85
N THR A 260 14.99 7.05 -2.35
CA THR A 260 13.85 7.29 -1.47
C THR A 260 13.88 6.36 -0.25
N TRP A 261 12.90 6.57 0.44
CA TRP A 261 12.74 5.93 1.74
C TRP A 261 11.74 4.78 1.70
N ASP A 262 11.41 4.31 0.50
CA ASP A 262 10.38 3.29 0.32
C ASP A 262 10.67 2.00 1.08
N ALA A 263 11.93 1.63 1.18
CA ALA A 263 12.32 0.39 1.83
C ALA A 263 12.03 0.39 3.33
N TYR A 264 11.83 1.58 3.89
CA TYR A 264 11.61 1.72 5.32
C TYR A 264 10.19 2.20 5.65
N LYS A 265 9.31 2.20 4.64
CA LYS A 265 7.94 2.67 4.82
C LYS A 265 7.06 1.61 5.47
N ASN A 266 7.13 0.39 4.96
CA ASN A 266 6.36 -0.73 5.53
C ASN A 266 7.21 -2.00 5.55
N LEU A 267 7.93 -2.20 6.65
CA LEU A 267 8.84 -3.32 6.79
C LEU A 267 8.07 -4.61 7.08
N GLY A 268 4.62 -4.32 7.65
CA GLY A 268 4.99 -5.72 7.52
C GLY A 268 5.04 -6.17 6.08
N ARG A 269 5.26 -7.47 5.87
CA ARG A 269 5.29 -8.06 4.54
C ARG A 269 4.00 -7.73 3.78
N ASP A 270 4.11 -7.55 2.47
CA ASP A 270 2.99 -7.06 1.69
C ASP A 270 2.72 -7.90 0.45
N CYS A 271 1.48 -8.38 0.34
CA CYS A 271 1.04 -9.12 -0.84
C CYS A 271 0.59 -8.17 -1.94
N LEU A 272 0.45 -6.90 -1.60
CA LEU A 272 0.02 -5.88 -2.53
C LEU A 272 1.20 -5.18 -3.19
N VAL A 273 1.06 -4.85 -4.47
CA VAL A 273 2.12 -4.15 -5.21
C VAL A 273 2.31 -2.75 -4.66
N LEU A 274 3.36 -2.07 -5.07
CA LEU A 274 3.64 -0.78 -4.52
C LEU A 274 2.89 0.31 -5.24
N ASN A 275 2.20 1.14 -4.47
CA ASN A 275 1.59 2.35 -5.01
C ASN A 275 0.69 2.18 -6.22
N GLN A 276 -0.25 1.26 -6.17
CA GLN A 276 -1.23 1.12 -7.21
C GLN A 276 -2.66 1.00 -6.67
N GLY A 277 -2.95 1.68 -5.60
CA GLY A 277 -4.24 1.63 -4.99
C GLY A 277 -5.35 2.16 -5.85
N TYR A 278 -5.06 3.21 -6.59
CA TYR A 278 -6.03 3.82 -7.47
C TYR A 278 -6.43 2.84 -8.54
N LEU A 279 -5.50 2.03 -8.95
CA LEU A 279 -5.76 1.01 -9.96
C LEU A 279 -6.59 -0.13 -9.36
N SER A 280 -6.46 -0.32 -8.05
CA SER A 280 -7.25 -1.32 -7.34
C SER A 280 -8.69 -0.82 -7.19
N GLU A 281 -8.84 0.46 -6.90
CA GLU A 281 -10.15 1.09 -6.81
C GLU A 281 -10.89 1.00 -8.15
N ALA A 282 -10.17 1.33 -9.22
CA ALA A 282 -10.75 1.29 -10.56
C ALA A 282 -10.97 -0.15 -11.02
N GLY A 283 -10.02 -1.02 -10.72
CA GLY A 283 -10.11 -2.41 -11.09
C GLY A 283 -11.30 -3.12 -10.47
N ALA A 284 -11.62 -2.73 -9.24
CA ALA A 284 -12.76 -3.30 -8.52
C ALA A 284 -14.06 -2.97 -9.25
N SER A 285 -14.17 -1.72 -9.72
CA SER A 285 -15.34 -1.29 -10.47
C SER A 285 -15.44 -2.02 -11.81
N LEU A 286 -14.28 -2.22 -12.45
CA LEU A 286 -14.21 -2.91 -13.73
C LEU A 286 -14.69 -4.36 -13.59
N VAL A 287 -14.19 -5.04 -12.57
CA VAL A 287 -14.59 -6.41 -12.31
C VAL A 287 -16.07 -6.51 -12.02
N ASP A 288 -16.57 -5.58 -11.23
CA ASP A 288 -17.97 -5.57 -10.82
C ASP A 288 -18.88 -5.39 -12.01
N GLN A 289 -18.52 -4.48 -12.91
CA GLN A 289 -19.36 -4.15 -14.06
C GLN A 289 -19.43 -5.32 -15.03
N LYS A 290 -18.30 -5.97 -15.25
CA LYS A 290 -18.22 -7.12 -16.15
C LYS A 290 -18.98 -8.31 -15.57
N LEU A 291 -19.06 -8.38 -14.25
CA LEU A 291 -19.83 -9.41 -13.58
C LEU A 291 -21.28 -8.97 -13.37
N GLU A 292 -21.55 -7.70 -13.68
CA GLU A 292 -22.89 -7.14 -13.55
C GLU A 292 -23.36 -7.14 -12.09
N LEU A 293 -22.42 -7.04 -11.16
CA LEU A 293 -22.74 -7.02 -9.75
C LEU A 293 -23.48 -5.75 -9.36
N ASN A 294 -22.96 -4.61 -9.80
CA ASN A 294 -23.60 -3.31 -9.55
C ASN A 294 -23.70 -2.94 -8.06
N ILE A 295 -22.60 -3.08 -7.33
CA ILE A 295 -22.55 -2.70 -5.92
C ILE A 295 -21.43 -1.70 -5.66
N VAL A 296 -20.41 -1.73 -6.52
CA VAL A 296 -19.33 -0.74 -6.51
C VAL A 296 -19.74 0.51 -7.28
N PRO A 297 -19.79 1.66 -6.60
CA PRO A 297 -20.03 2.92 -7.29
C PRO A 297 -18.99 3.14 -8.39
N ARG A 298 -19.44 3.52 -9.58
CA ARG A 298 -18.55 3.56 -10.75
C ARG A 298 -17.27 4.33 -10.48
N THR A 299 -16.15 3.65 -10.68
CA THR A 299 -14.84 4.21 -10.41
C THR A 299 -13.93 4.06 -11.63
N LYS A 300 -13.19 5.12 -11.94
CA LYS A 300 -12.29 5.12 -13.08
C LYS A 300 -11.06 5.98 -12.81
N VAL A 301 -10.03 5.78 -13.60
CA VAL A 301 -8.83 6.60 -13.51
C VAL A 301 -9.12 8.00 -14.03
N VAL A 302 -8.93 9.01 -13.18
CA VAL A 302 -9.25 10.38 -13.55
C VAL A 302 -8.12 11.34 -13.17
N TYR A 303 -7.90 12.35 -14.01
CA TYR A 303 -6.90 13.37 -13.74
C TYR A 303 -7.56 14.66 -13.25
N LEU A 304 -7.13 15.12 -12.07
CA LEU A 304 -7.69 16.34 -11.49
C LEU A 304 -6.61 17.25 -10.92
N ALA A 305 -6.79 18.55 -11.11
CA ALA A 305 -5.91 19.54 -10.51
C ALA A 305 -6.69 20.34 -9.47
N SER A 306 -6.09 20.57 -8.32
CA SER A 306 -6.76 21.27 -7.24
C SER A 306 -5.75 21.83 -6.23
N GLU A 307 -5.89 23.12 -5.92
CA GLU A 307 -5.00 23.76 -4.97
C GLU A 307 -5.07 23.11 -3.58
N THR A 308 -6.19 22.45 -3.30
CA THR A 308 -6.37 21.78 -2.02
C THR A 308 -5.55 20.49 -1.93
N PHE A 309 -5.16 19.96 -3.08
CA PHE A 309 -4.32 18.77 -3.12
C PHE A 309 -2.92 19.07 -2.57
N ASN A 310 -2.15 18.03 -2.30
CA ASN A 310 -0.78 18.18 -1.85
C ASN A 310 0.19 18.18 -3.02
N TYR A 311 0.81 19.34 -3.28
CA TYR A 311 1.75 19.47 -4.37
C TYR A 311 3.15 19.80 -3.88
N SER A 312 4.16 19.47 -4.69
CA SER A 312 5.53 19.81 -4.37
C SER A 312 5.75 21.32 -4.41
N ALA A 313 6.85 21.77 -3.81
CA ALA A 313 7.16 23.20 -3.80
C ALA A 313 7.44 23.71 -5.21
N ILE A 314 8.13 22.89 -6.00
CA ILE A 314 8.48 23.27 -7.37
C ILE A 314 7.23 23.41 -8.24
N ASP A 315 6.22 22.59 -7.96
CA ASP A 315 4.96 22.67 -8.68
C ASP A 315 4.14 23.89 -8.22
N ARG A 316 4.22 24.21 -6.94
CA ARG A 316 3.51 25.35 -6.39
C ARG A 316 4.01 26.66 -6.97
N VAL A 317 5.34 26.85 -6.96
CA VAL A 317 5.95 28.06 -7.47
C VAL A 317 5.67 28.28 -8.95
N LYS A 318 5.79 27.21 -9.73
CA LYS A 318 5.60 27.28 -11.18
C LYS A 318 4.16 27.56 -11.57
N SER A 319 3.23 27.21 -10.69
CA SER A 319 1.80 27.37 -10.99
C SER A 319 1.44 28.82 -11.21
N ARG A 320 2.22 29.73 -10.62
CA ARG A 320 1.93 31.16 -10.70
C ARG A 320 2.69 31.85 -11.82
N GLY A 321 3.30 31.06 -12.71
CA GLY A 321 3.94 31.60 -13.89
C GLY A 321 2.91 32.08 -14.89
N LYS A 322 3.38 32.63 -16.01
CA LYS A 322 2.48 33.07 -17.07
C LYS A 322 2.73 32.26 -18.35
N ARG A 323 1.70 31.57 -18.82
CA ARG A 323 1.80 30.79 -20.05
C ARG A 323 1.37 31.61 -21.26
N ASN A 337 -3.04 33.83 -18.99
CA ASN A 337 -3.43 32.75 -18.09
C ASN A 337 -2.23 32.11 -17.42
N ARG A 338 -2.40 31.69 -16.17
CA ARG A 338 -1.32 31.06 -15.42
C ARG A 338 -1.14 29.59 -15.84
N ILE A 339 0.03 29.04 -15.57
CA ILE A 339 0.31 27.63 -15.85
C ILE A 339 -0.58 26.73 -15.00
N GLY A 340 -0.77 27.12 -13.75
CA GLY A 340 -1.58 26.34 -12.82
C GLY A 340 -0.87 25.08 -12.35
N LEU A 341 -1.57 24.30 -11.53
CA LEU A 341 -1.02 23.06 -11.00
C LEU A 341 -1.24 21.89 -11.95
N PRO A 342 -0.28 20.97 -12.01
CA PRO A 342 -0.41 19.75 -12.83
C PRO A 342 -1.53 18.86 -12.32
N PRO A 343 -2.40 18.40 -13.23
CA PRO A 343 -3.52 17.53 -12.83
C PRO A 343 -3.03 16.16 -12.34
N LYS A 344 -3.39 15.81 -11.10
CA LYS A 344 -3.01 14.53 -10.52
C LYS A 344 -3.88 13.39 -11.04
N VAL A 345 -3.25 12.25 -11.29
CA VAL A 345 -3.98 11.04 -11.64
C VAL A 345 -4.45 10.35 -10.36
N GLY A 346 -5.56 9.62 -10.45
CA GLY A 346 -6.09 8.93 -9.29
C GLY A 346 -7.44 8.27 -9.56
N SER A 347 -7.97 7.59 -8.55
CA SER A 347 -9.27 6.95 -8.68
C SER A 347 -10.40 7.93 -8.40
N PHE A 348 -11.38 7.94 -9.29
CA PHE A 348 -12.55 8.81 -9.15
C PHE A 348 -13.80 7.96 -8.97
N GLN A 349 -14.39 8.01 -7.78
CA GLN A 349 -15.53 7.16 -7.46
C GLN A 349 -16.78 7.98 -7.13
N LEU A 350 -17.88 7.68 -7.83
CA LEU A 350 -19.13 8.40 -7.67
C LEU A 350 -19.68 8.27 -6.25
N PHE A 351 -20.10 9.40 -5.68
CA PHE A 351 -20.69 9.41 -4.35
C PHE A 351 -22.14 8.95 -4.38
N VAL A 352 -22.52 8.08 -3.45
CA VAL A 352 -23.89 7.59 -3.37
C VAL A 352 -24.57 8.11 -2.10
N GLU A 353 -25.82 8.53 -2.23
CA GLU A 353 -26.54 9.15 -1.12
C GLU A 353 -27.53 8.19 -0.45
N GLY A 354 -27.76 8.40 0.84
CA GLY A 354 -28.75 7.64 1.59
C GLY A 354 -28.20 6.43 2.32
N TYR A 355 -26.90 6.17 2.16
CA TYR A 355 -26.28 5.01 2.79
C TYR A 355 -25.72 5.31 4.17
N LYS A 356 -25.61 4.27 4.98
CA LYS A 356 -24.90 4.34 6.25
C LYS A 356 -23.96 3.14 6.37
N ASP A 357 -23.16 3.11 7.43
CA ASP A 357 -22.23 2.01 7.64
C ASP A 357 -22.96 0.67 7.69
N ALA A 358 -22.33 -0.36 7.11
CA ALA A 358 -22.87 -1.71 7.17
C ALA A 358 -22.97 -2.14 8.62
N ASP A 359 -22.00 -1.70 9.43
CA ASP A 359 -21.99 -1.98 10.86
C ASP A 359 -23.22 -1.38 11.54
N TYR A 360 -23.56 -0.15 11.13
CA TYR A 360 -24.72 0.54 11.68
C TYR A 360 -26.01 -0.24 11.44
N TRP A 361 -26.22 -0.67 10.20
CA TRP A 361 -27.45 -1.36 9.84
C TRP A 361 -27.51 -2.80 10.33
N LEU A 362 -26.41 -3.54 10.16
CA LEU A 362 -26.34 -4.91 10.66
C LEU A 362 -26.60 -4.93 12.16
N ARG A 363 -26.17 -3.86 12.82
CA ARG A 363 -26.42 -3.66 14.24
C ARG A 363 -27.91 -3.63 14.55
N ARG A 364 -28.63 -2.75 13.84
CA ARG A 364 -30.06 -2.59 14.06
C ARG A 364 -30.84 -3.83 13.65
N PHE A 365 -30.40 -4.47 12.56
CA PHE A 365 -31.06 -5.67 12.08
C PHE A 365 -30.93 -6.81 13.09
N GLU A 366 -29.76 -6.90 13.72
CA GLU A 366 -29.52 -7.93 14.72
C GLU A 366 -30.47 -7.78 15.90
N ALA A 367 -30.70 -6.54 16.32
CA ALA A 367 -31.62 -6.27 17.41
C ALA A 367 -33.06 -6.48 16.96
N GLU A 368 -33.50 -5.69 16.00
CA GLU A 368 -34.83 -5.82 15.43
C GLU A 368 -34.74 -6.35 14.00
N PRO A 369 -34.80 -7.68 13.84
CA PRO A 369 -34.65 -8.39 12.57
C PRO A 369 -35.61 -7.90 11.48
N LEU A 370 -35.12 -7.87 10.24
CA LEU A 370 -35.93 -7.49 9.09
C LEU A 370 -36.98 -8.55 8.80
N PRO A 371 -38.07 -8.15 8.13
CA PRO A 371 -39.02 -9.15 7.61
C PRO A 371 -38.34 -10.05 6.60
N GLU A 372 -38.83 -11.26 6.43
CA GLU A 372 -38.20 -12.26 5.57
C GLU A 372 -37.91 -11.74 4.16
N ASN A 373 -38.87 -11.04 3.58
CA ASN A 373 -38.74 -10.54 2.22
C ASN A 373 -37.59 -9.53 2.08
N THR A 374 -37.44 -8.68 3.09
CA THR A 374 -36.37 -7.67 3.07
C THR A 374 -35.01 -8.28 3.36
N ASN A 375 -34.98 -9.21 4.32
CA ASN A 375 -33.73 -9.87 4.69
C ASN A 375 -33.15 -10.66 3.53
N ARG A 376 -34.05 -11.22 2.72
CA ARG A 376 -33.65 -11.96 1.52
C ARG A 376 -32.98 -11.04 0.50
N GLN A 377 -33.50 -9.82 0.37
CA GLN A 377 -32.91 -8.83 -0.50
C GLN A 377 -31.52 -8.45 -0.02
N LEU A 378 -31.37 -8.33 1.31
CA LEU A 378 -30.08 -8.03 1.92
C LEU A 378 -29.09 -9.16 1.67
N LEU A 379 -29.57 -10.39 1.73
CA LEU A 379 -28.72 -11.57 1.51
C LEU A 379 -28.25 -11.66 0.06
N LEU A 380 -29.13 -11.32 -0.87
CA LEU A 380 -28.77 -11.33 -2.29
C LEU A 380 -27.66 -10.33 -2.58
N GLN A 381 -27.73 -9.18 -1.93
CA GLN A 381 -26.69 -8.16 -2.07
C GLN A 381 -25.39 -8.63 -1.42
N PHE A 382 -25.51 -9.29 -0.28
CA PHE A 382 -24.35 -9.80 0.44
C PHE A 382 -23.55 -10.78 -0.40
N GLU A 383 -24.26 -11.62 -1.15
CA GLU A 383 -23.62 -12.62 -2.00
C GLU A 383 -22.77 -11.96 -3.08
N ARG A 384 -23.29 -10.89 -3.68
CA ARG A 384 -22.56 -10.15 -4.69
C ARG A 384 -21.29 -9.55 -4.12
N LEU A 385 -21.37 -9.07 -2.88
CA LEU A 385 -20.21 -8.54 -2.18
C LEU A 385 -19.17 -9.63 -1.97
N VAL A 386 -19.64 -10.81 -1.59
CA VAL A 386 -18.77 -11.96 -1.37
C VAL A 386 -18.05 -12.38 -2.66
N VAL A 387 -18.81 -12.45 -3.75
CA VAL A 387 -18.25 -12.83 -5.04
C VAL A 387 -17.18 -11.86 -5.50
N LEU A 388 -17.45 -10.57 -5.36
CA LEU A 388 -16.52 -9.53 -5.77
C LEU A 388 -15.22 -9.59 -4.98
N ASP A 389 -15.34 -9.56 -3.65
CA ASP A 389 -14.17 -9.54 -2.77
C ASP A 389 -13.30 -10.78 -2.95
N TYR A 390 -13.92 -11.92 -3.19
CA TYR A 390 -13.18 -13.17 -3.31
C TYR A 390 -12.40 -13.23 -4.63
N ILE A 391 -13.02 -12.75 -5.71
CA ILE A 391 -12.39 -12.77 -7.02
C ILE A 391 -11.19 -11.82 -7.08
N ILE A 392 -11.36 -10.65 -6.49
CA ILE A 392 -10.30 -9.69 -6.42
C ILE A 392 -9.42 -9.84 -5.18
N ARG A 393 -9.71 -10.38 -4.27
CA ARG A 393 -9.11 -10.77 -3.02
C ARG A 393 -8.85 -9.61 -2.11
N ASN A 394 -9.89 -9.11 -1.84
CA ASN A 394 -9.80 -7.95 -1.03
C ASN A 394 -9.28 -8.30 0.33
N THR A 395 -8.28 -7.57 0.75
CA THR A 395 -7.61 -7.77 2.04
C THR A 395 -8.23 -6.91 3.13
N ASP A 396 -8.90 -5.83 2.73
CA ASP A 396 -9.47 -4.89 3.69
C ASP A 396 -10.95 -4.64 3.42
N ARG A 397 -11.79 -5.52 3.96
CA ARG A 397 -13.24 -5.36 3.83
C ARG A 397 -13.93 -5.65 5.16
N GLY A 398 -13.73 -4.77 6.12
CA GLY A 398 -14.47 -4.84 7.38
C GLY A 398 -15.86 -4.27 7.17
N ASN A 399 -16.66 -4.27 8.23
CA ASN A 399 -18.01 -3.70 8.16
C ASN A 399 -17.97 -2.18 8.00
N ASP A 400 -16.77 -1.62 7.95
CA ASP A 400 -16.59 -0.19 7.74
C ASP A 400 -16.34 0.13 6.27
N ASN A 401 -16.07 -0.89 5.47
CA ASN A 401 -15.71 -0.69 4.07
C ASN A 401 -16.82 -1.04 3.07
N TRP A 402 -18.04 -1.23 3.56
CA TRP A 402 -19.18 -1.38 2.67
C TRP A 402 -20.44 -0.78 3.29
N LEU A 403 -21.27 -0.17 2.46
CA LEU A 403 -22.43 0.58 2.94
C LEU A 403 -23.74 -0.14 2.66
N ILE A 404 -24.77 0.25 3.40
CA ILE A 404 -26.11 -0.31 3.22
C ILE A 404 -27.15 0.79 3.21
N LYS A 405 -28.06 0.73 2.24
CA LYS A 405 -29.16 1.68 2.20
C LYS A 405 -30.49 0.97 2.47
N TYR A 406 -31.07 1.25 3.63
CA TYR A 406 -32.37 0.70 4.00
C TYR A 406 -33.43 1.79 3.97
N ASP A 407 -34.41 1.63 3.08
CA ASP A 407 -35.43 2.65 2.87
C ASP A 407 -36.69 2.45 3.71
N CYS A 408 -36.89 2.13 5.06
CA CYS A 408 -37.91 2.26 6.09
C CYS A 408 -37.33 2.10 7.48
N ASP A 419 -48.21 -7.47 -13.45
CA ASP A 419 -49.21 -6.56 -13.97
C ASP A 419 -48.65 -5.26 -14.57
N TRP A 420 -47.38 -5.26 -14.98
CA TRP A 420 -46.58 -4.09 -15.36
C TRP A 420 -45.34 -4.48 -16.17
N VAL A 421 -44.57 -3.48 -16.61
CA VAL A 421 -43.38 -3.68 -17.42
C VAL A 421 -42.11 -3.31 -16.66
N VAL A 422 -42.29 -2.82 -15.43
CA VAL A 422 -41.18 -2.43 -14.58
C VAL A 422 -41.03 -3.34 -13.35
N VAL A 423 -39.78 -3.58 -12.96
CA VAL A 423 -39.50 -4.33 -11.74
C VAL A 423 -39.70 -3.46 -10.51
N LYS A 424 -40.36 -4.02 -9.50
CA LYS A 424 -40.60 -3.29 -8.26
C LYS A 424 -39.27 -3.04 -7.55
N GLU A 425 -39.06 -1.80 -7.12
CA GLU A 425 -37.79 -1.38 -6.53
C GLU A 425 -37.44 -2.15 -5.26
N PRO A 426 -36.17 -2.51 -5.10
CA PRO A 426 -35.68 -3.18 -3.89
C PRO A 426 -35.68 -2.23 -2.69
N VAL A 427 -36.05 -2.74 -1.53
CA VAL A 427 -36.13 -1.93 -0.31
C VAL A 427 -34.74 -1.71 0.29
N ILE A 428 -33.81 -2.61 0.01
CA ILE A 428 -32.48 -2.54 0.58
C ILE A 428 -31.40 -2.69 -0.49
N LYS A 429 -30.27 -2.03 -0.27
CA LYS A 429 -29.20 -2.00 -1.26
C LYS A 429 -27.82 -1.93 -0.60
N VAL A 430 -26.80 -2.41 -1.31
CA VAL A 430 -25.45 -2.42 -0.78
C VAL A 430 -24.49 -1.70 -1.71
N ALA A 431 -23.49 -1.02 -1.13
CA ALA A 431 -22.46 -0.35 -1.90
C ALA A 431 -21.07 -0.73 -1.38
N ALA A 432 -20.24 -1.27 -2.27
CA ALA A 432 -18.89 -1.65 -1.91
C ALA A 432 -17.90 -0.52 -2.18
N ILE A 433 -17.45 0.14 -1.11
CA ILE A 433 -16.54 1.27 -1.23
C ILE A 433 -15.13 0.92 -0.78
N ASP A 434 -14.20 1.86 -1.00
CA ASP A 434 -12.83 1.73 -0.52
C ASP A 434 -12.17 0.43 -0.95
N ASN A 435 -12.04 0.24 -2.26
CA ASN A 435 -11.48 -1.00 -2.80
C ASN A 435 -10.03 -0.82 -3.26
N GLY A 436 -9.26 -0.11 -2.47
CA GLY A 436 -7.88 0.14 -2.77
C GLY A 436 -6.87 -0.89 -2.34
N LEU A 437 -7.28 -1.93 -1.65
CA LEU A 437 -6.34 -2.89 -1.13
C LEU A 437 -6.70 -4.30 -1.55
N ALA A 438 -6.72 -4.49 -2.85
CA ALA A 438 -7.17 -5.70 -3.47
C ALA A 438 -6.22 -6.01 -4.61
N PHE A 439 -6.45 -7.13 -5.28
CA PHE A 439 -5.56 -7.61 -6.34
C PHE A 439 -4.14 -7.86 -5.82
N PRO A 440 -4.01 -8.74 -4.81
CA PRO A 440 -2.70 -9.03 -4.22
C PRO A 440 -1.80 -9.85 -5.13
N LEU A 441 -0.48 -9.67 -4.99
CA LEU A 441 0.50 -10.42 -5.75
C LEU A 441 0.49 -11.89 -5.34
N LYS A 442 -0.12 -12.17 -4.19
CA LYS A 442 -0.14 -13.53 -3.64
C LYS A 442 -1.07 -13.59 -2.44
N HIS A 443 -1.43 -14.81 -2.04
CA HIS A 443 -2.22 -15.01 -0.84
C HIS A 443 -1.39 -14.62 0.38
N PRO A 444 -2.03 -13.95 1.36
CA PRO A 444 -1.34 -13.48 2.57
C PRO A 444 -0.67 -14.62 3.34
N ASP A 445 0.54 -14.38 3.84
CA ASP A 445 1.25 -15.37 4.64
C ASP A 445 0.43 -15.73 5.87
N SER A 446 -0.31 -14.75 6.37
CA SER A 446 -1.20 -14.93 7.50
C SER A 446 -2.60 -14.43 7.17
N TRP A 447 -3.52 -15.36 6.94
CA TRP A 447 -4.88 -14.99 6.58
C TRP A 447 -5.57 -14.28 7.73
N ARG A 448 -5.11 -14.55 8.96
CA ARG A 448 -5.66 -13.89 10.13
C ARG A 448 -5.31 -12.40 10.13
N ALA A 449 -4.20 -12.06 9.51
CA ALA A 449 -3.77 -10.66 9.41
C ALA A 449 -4.55 -9.93 8.32
N TYR A 450 -4.93 -10.65 7.27
CA TYR A 450 -5.67 -10.07 6.15
C TYR A 450 -6.80 -11.00 5.71
N PRO A 451 -7.80 -11.18 6.57
CA PRO A 451 -8.92 -12.10 6.33
C PRO A 451 -10.11 -11.45 5.62
N PHE A 452 -11.05 -12.28 5.18
CA PHE A 452 -12.35 -11.79 4.73
C PHE A 452 -13.25 -11.60 5.94
N TYR A 453 -13.38 -10.36 6.40
CA TYR A 453 -14.06 -10.09 7.67
C TYR A 453 -15.53 -10.47 7.68
N TRP A 454 -16.19 -10.37 6.53
CA TRP A 454 -17.61 -10.71 6.44
C TRP A 454 -17.85 -12.21 6.63
N ALA A 455 -16.77 -12.99 6.57
CA ALA A 455 -16.86 -14.44 6.74
C ALA A 455 -17.30 -14.78 8.17
N TRP A 456 -16.97 -13.92 9.12
CA TRP A 456 -17.35 -14.13 10.52
C TRP A 456 -18.80 -13.71 10.77
N LEU A 457 -19.41 -13.05 9.80
CA LEU A 457 -20.80 -12.63 9.92
C LEU A 457 -21.75 -13.83 9.77
N PRO A 458 -22.89 -13.78 10.47
CA PRO A 458 -23.90 -14.86 10.40
C PRO A 458 -24.51 -15.00 9.01
N GLN A 459 -24.44 -13.95 8.21
CA GLN A 459 -24.93 -14.01 6.83
C GLN A 459 -24.07 -14.93 5.97
N ALA A 460 -22.82 -15.08 6.35
CA ALA A 460 -21.86 -15.89 5.59
C ALA A 460 -22.16 -17.38 5.68
N LYS A 461 -23.05 -17.77 6.60
CA LYS A 461 -23.39 -19.17 6.79
C LYS A 461 -24.50 -19.63 5.83
N VAL A 462 -25.22 -18.68 5.26
CA VAL A 462 -26.29 -19.00 4.32
C VAL A 462 -25.71 -19.43 2.98
N PRO A 463 -26.18 -20.59 2.47
CA PRO A 463 -25.71 -21.15 1.19
C PRO A 463 -25.96 -20.20 0.01
N PHE A 464 -25.11 -20.27 -1.00
CA PHE A 464 -25.25 -19.45 -2.19
C PHE A 464 -26.59 -19.73 -2.89
N SER A 465 -27.39 -18.69 -3.07
CA SER A 465 -28.67 -18.82 -3.74
C SER A 465 -28.50 -19.22 -5.19
N GLN A 466 -29.59 -19.71 -5.80
CA GLN A 466 -29.55 -20.08 -7.21
C GLN A 466 -29.37 -18.86 -8.09
N GLU A 467 -29.83 -17.71 -7.59
CA GLU A 467 -29.78 -16.46 -8.35
C GLU A 467 -28.34 -16.02 -8.60
N ILE A 468 -27.51 -16.07 -7.56
CA ILE A 468 -26.11 -15.69 -7.70
C ILE A 468 -25.36 -16.70 -8.56
N LYS A 469 -25.80 -17.95 -8.51
CA LYS A 469 -25.23 -19.01 -9.34
C LYS A 469 -25.56 -18.78 -10.81
N ASP A 470 -26.81 -18.42 -11.09
CA ASP A 470 -27.27 -18.19 -12.45
C ASP A 470 -26.55 -17.01 -13.09
N LEU A 471 -26.15 -16.05 -12.26
CA LEU A 471 -25.50 -14.84 -12.75
C LEU A 471 -24.00 -15.03 -13.01
N ILE A 472 -23.32 -15.68 -12.08
CA ILE A 472 -21.86 -15.74 -12.12
C ILE A 472 -21.29 -16.95 -12.85
N LEU A 473 -21.87 -18.12 -12.61
CA LEU A 473 -21.36 -19.37 -13.20
C LEU A 473 -21.21 -19.32 -14.72
N PRO A 474 -22.24 -18.85 -15.43
CA PRO A 474 -22.17 -18.75 -16.89
C PRO A 474 -21.01 -17.88 -17.39
N LYS A 475 -20.48 -17.03 -16.51
CA LYS A 475 -19.41 -16.12 -16.89
C LYS A 475 -18.02 -16.67 -16.56
N ILE A 476 -17.77 -16.94 -15.28
CA ILE A 476 -16.45 -17.36 -14.84
C ILE A 476 -16.10 -18.78 -15.29
N SER A 477 -17.13 -19.62 -15.48
CA SER A 477 -16.90 -20.98 -15.96
C SER A 477 -16.54 -20.95 -17.45
N ASP A 478 -16.80 -19.82 -18.08
CA ASP A 478 -16.44 -19.61 -19.48
C ASP A 478 -15.04 -19.01 -19.58
N PRO A 479 -14.08 -19.78 -20.10
CA PRO A 479 -12.68 -19.36 -20.22
C PRO A 479 -12.51 -18.14 -21.11
N ASN A 480 -13.43 -17.93 -22.05
CA ASN A 480 -13.41 -16.75 -22.90
C ASN A 480 -13.71 -15.47 -22.12
N PHE A 481 -14.59 -15.59 -21.13
CA PHE A 481 -14.90 -14.46 -20.27
C PHE A 481 -13.72 -14.12 -19.36
N VAL A 482 -13.12 -15.15 -18.78
CA VAL A 482 -11.98 -14.97 -17.87
C VAL A 482 -10.78 -14.37 -18.60
N LYS A 483 -10.63 -14.73 -19.86
CA LYS A 483 -9.53 -14.20 -20.67
C LYS A 483 -9.72 -12.71 -20.96
N ASP A 484 -10.93 -12.34 -21.34
CA ASP A 484 -11.25 -10.94 -21.61
C ASP A 484 -11.10 -10.10 -20.35
N LEU A 485 -11.47 -10.68 -19.21
CA LEU A 485 -11.33 -10.01 -17.93
C LEU A 485 -9.87 -9.70 -17.63
N GLU A 486 -9.01 -10.65 -17.93
CA GLU A 486 -7.56 -10.45 -17.77
C GLU A 486 -7.06 -9.38 -18.71
N GLU A 487 -7.62 -9.33 -19.92
CA GLU A 487 -7.22 -8.33 -20.90
C GLU A 487 -7.59 -6.91 -20.45
N ASP A 488 -8.83 -6.75 -19.99
CA ASP A 488 -9.31 -5.45 -19.55
C ASP A 488 -8.51 -4.94 -18.35
N LEU A 489 -8.21 -5.83 -17.41
CA LEU A 489 -7.40 -5.49 -16.26
C LEU A 489 -5.99 -5.10 -16.68
N TYR A 490 -5.52 -5.71 -17.76
CA TYR A 490 -4.17 -5.42 -18.27
C TYR A 490 -4.08 -4.02 -18.87
N GLU A 491 -5.06 -3.66 -19.67
CA GLU A 491 -5.10 -2.34 -20.29
C GLU A 491 -5.20 -1.24 -19.24
N LEU A 492 -5.88 -1.56 -18.14
CA LEU A 492 -6.05 -0.62 -17.05
C LEU A 492 -4.79 -0.49 -16.21
N PHE A 493 -4.17 -1.63 -15.90
CA PHE A 493 -3.00 -1.66 -15.04
C PHE A 493 -1.72 -1.17 -15.74
N LYS A 494 -1.58 -1.52 -17.02
CA LYS A 494 -0.37 -1.20 -17.76
C LYS A 494 -0.12 0.30 -17.86
N LYS A 495 -1.19 1.08 -17.79
CA LYS A 495 -1.09 2.54 -17.91
C LYS A 495 -0.16 3.13 -16.85
N ASP A 496 -0.05 2.44 -15.71
CA ASP A 496 0.84 2.91 -14.65
C ASP A 496 2.29 2.82 -15.07
N PRO A 497 3.07 3.87 -14.79
CA PRO A 497 4.50 3.92 -15.12
C PRO A 497 5.31 2.82 -14.44
N GLY A 498 4.96 2.53 -13.19
CA GLY A 498 5.66 1.51 -12.43
C GLY A 498 5.13 0.11 -12.70
N PHE A 499 4.41 -0.06 -13.80
CA PHE A 499 3.81 -1.34 -14.14
C PHE A 499 4.86 -2.42 -14.38
N ASP A 500 4.72 -3.54 -13.67
CA ASP A 500 5.62 -4.68 -13.83
C ASP A 500 4.84 -5.87 -14.38
N ARG A 501 5.22 -6.32 -15.57
CA ARG A 501 4.54 -7.45 -16.20
C ARG A 501 4.65 -8.70 -15.35
N GLY A 502 5.75 -8.82 -14.62
CA GLY A 502 5.95 -9.94 -13.72
C GLY A 502 4.98 -9.93 -12.57
N GLN A 503 4.74 -8.76 -12.00
CA GLN A 503 3.78 -8.61 -10.92
C GLN A 503 2.36 -8.91 -11.38
N PHE A 504 2.04 -8.49 -12.61
CA PHE A 504 0.71 -8.66 -13.16
C PHE A 504 0.35 -10.13 -13.33
N HIS A 505 1.31 -10.93 -13.79
CA HIS A 505 1.09 -12.36 -13.97
C HIS A 505 0.77 -13.04 -12.64
N LYS A 506 1.38 -12.54 -11.57
CA LYS A 506 1.11 -13.06 -10.23
C LYS A 506 -0.28 -12.67 -9.75
N GLN A 507 -0.66 -11.41 -10.01
CA GLN A 507 -1.98 -10.93 -9.65
C GLN A 507 -3.06 -11.76 -10.34
N ILE A 508 -2.83 -12.10 -11.60
CA ILE A 508 -3.77 -12.89 -12.37
C ILE A 508 -3.81 -14.33 -11.87
N ALA A 509 -2.64 -14.86 -11.52
CA ALA A 509 -2.54 -16.23 -11.02
C ALA A 509 -3.37 -16.41 -9.76
N VAL A 510 -3.36 -15.40 -8.91
CA VAL A 510 -4.18 -15.42 -7.69
C VAL A 510 -5.65 -15.32 -8.02
N MET A 511 -6.00 -14.43 -8.95
CA MET A 511 -7.38 -14.23 -9.35
C MET A 511 -7.96 -15.50 -9.98
N ARG A 512 -7.17 -16.13 -10.84
CA ARG A 512 -7.59 -17.36 -11.48
C ARG A 512 -7.74 -18.48 -10.45
N GLY A 513 -6.95 -18.39 -9.38
CA GLY A 513 -7.05 -19.34 -8.28
C GLY A 513 -8.32 -19.12 -7.49
N GLN A 514 -8.69 -17.86 -7.32
CA GLN A 514 -9.93 -17.50 -6.64
C GLN A 514 -11.14 -17.93 -7.46
N ILE A 515 -11.06 -17.73 -8.76
CA ILE A 515 -12.13 -18.11 -9.68
C ILE A 515 -12.33 -19.63 -9.68
N LEU A 516 -11.24 -20.36 -9.53
CA LEU A 516 -11.28 -21.82 -9.51
C LEU A 516 -12.11 -22.32 -8.34
N ASN A 517 -11.82 -21.82 -7.15
CA ASN A 517 -12.55 -22.20 -5.94
C ASN A 517 -13.99 -21.71 -5.97
N LEU A 518 -14.19 -20.46 -6.39
CA LEU A 518 -15.52 -19.87 -6.42
C LEU A 518 -16.45 -20.62 -7.36
N THR A 519 -15.91 -21.09 -8.48
CA THR A 519 -16.70 -21.83 -9.46
C THR A 519 -17.25 -23.12 -8.86
N GLN A 520 -16.38 -23.88 -8.21
CA GLN A 520 -16.79 -25.13 -7.59
C GLN A 520 -17.69 -24.89 -6.38
N ALA A 521 -17.42 -23.82 -5.65
CA ALA A 521 -18.20 -23.48 -4.47
C ALA A 521 -19.64 -23.15 -4.87
N LEU A 522 -19.79 -22.49 -6.02
CA LEU A 522 -21.11 -22.17 -6.54
C LEU A 522 -21.84 -23.41 -7.01
N LYS A 523 -21.10 -24.33 -7.64
CA LYS A 523 -21.67 -25.58 -8.12
C LYS A 523 -22.16 -26.44 -6.97
N ASP A 524 -21.40 -26.46 -5.88
CA ASP A 524 -21.73 -27.29 -4.73
C ASP A 524 -22.69 -26.60 -3.77
N ASN A 525 -23.16 -25.41 -4.14
CA ASN A 525 -24.10 -24.66 -3.32
C ASN A 525 -23.52 -24.31 -1.95
N LYS A 526 -22.21 -24.13 -1.88
CA LYS A 526 -21.55 -23.75 -0.63
C LYS A 526 -22.00 -22.39 -0.13
N SER A 527 -21.79 -22.14 1.16
CA SER A 527 -21.96 -20.82 1.73
C SER A 527 -20.66 -20.04 1.57
N PRO A 528 -20.71 -18.72 1.79
CA PRO A 528 -19.50 -17.89 1.75
C PRO A 528 -18.44 -18.36 2.74
N LEU A 529 -18.87 -18.80 3.91
CA LEU A 529 -17.95 -19.28 4.94
C LEU A 529 -17.19 -20.52 4.48
N HIS A 530 -17.92 -21.48 3.93
CA HIS A 530 -17.30 -22.69 3.40
C HIS A 530 -16.44 -22.37 2.18
N LEU A 531 -16.78 -21.28 1.51
CA LEU A 531 -16.01 -20.82 0.35
C LEU A 531 -14.61 -20.36 0.77
N VAL A 532 -14.54 -19.53 1.80
CA VAL A 532 -13.26 -19.01 2.26
C VAL A 532 -12.43 -20.10 2.91
N GLN A 533 -13.11 -21.10 3.48
CA GLN A 533 -12.42 -22.21 4.14
C GLN A 533 -11.72 -23.13 3.14
N MET A 534 -12.08 -23.01 1.86
CA MET A 534 -11.38 -23.73 0.81
C MET A 534 -9.93 -23.27 0.75
N PRO A 535 -8.98 -24.22 0.69
CA PRO A 535 -7.56 -23.88 0.65
C PRO A 535 -7.23 -22.95 -0.52
N PRO A 536 -6.69 -21.76 -0.23
CA PRO A 536 -6.30 -20.79 -1.26
C PRO A 536 -5.30 -21.38 -2.24
N VAL A 537 -5.45 -21.07 -3.52
CA VAL A 537 -4.59 -21.62 -4.55
C VAL A 537 -4.39 -20.63 -5.69
N ILE A 538 -3.32 -20.82 -6.45
CA ILE A 538 -3.05 -19.97 -7.61
C ILE A 538 -2.91 -20.83 -8.86
N VAL A 539 -3.39 -20.31 -9.98
CA VAL A 539 -3.24 -20.98 -11.27
C VAL A 539 -2.13 -20.31 -12.07
N GLU A 540 -0.90 -20.75 -11.87
CA GLU A 540 0.25 -20.12 -12.49
C GLU A 540 0.62 -20.75 -13.83
N THR A 541 0.97 -19.92 -14.80
CA THR A 541 1.43 -20.39 -16.09
C THR A 541 2.93 -20.66 -16.07
N ALA A 542 3.34 -21.82 -16.57
CA ALA A 542 4.74 -22.21 -16.56
C ALA A 542 5.59 -21.29 -17.43
PG ATP B . -10.13 5.06 5.51
O1G ATP B . -8.90 5.31 6.16
O2G ATP B . -10.18 3.87 4.66
O3G ATP B . -11.23 5.16 6.43
PB ATP B . -10.16 6.31 2.96
O1B ATP B . -9.30 7.38 2.59
O2B ATP B . -9.83 5.02 2.41
O3B ATP B . -10.21 6.28 4.53
PA ATP B . -12.81 5.71 2.35
O1A ATP B . -12.79 4.72 3.41
O2A ATP B . -12.82 5.32 0.97
O3A ATP B . -11.61 6.68 2.60
O5' ATP B . -13.95 6.74 2.56
C5' ATP B . -14.23 7.25 3.81
C4' ATP B . -15.68 7.51 4.08
O4' ATP B . -16.29 8.17 3.00
C3' ATP B . -16.48 6.27 4.31
O3' ATP B . -16.57 5.97 5.68
C2' ATP B . -17.81 6.66 3.79
O2' ATP B . -18.50 7.28 4.83
C1' ATP B . -17.59 7.68 2.77
N9 ATP B . -17.66 7.18 1.40
C8 ATP B . -16.68 6.60 0.75
N7 ATP B . -17.02 6.27 -0.47
C5 ATP B . -18.26 6.63 -0.63
C6 ATP B . -19.20 6.55 -1.72
N6 ATP B . -18.86 6.00 -2.87
N1 ATP B . -20.41 7.05 -1.51
C2 ATP B . -20.75 7.59 -0.35
N3 ATP B . -19.94 7.69 0.68
C4 ATP B . -18.69 7.23 0.61
H5'1 ATP B . -13.69 8.19 3.93
H5'2 ATP B . -13.85 6.55 4.55
H4' ATP B . -15.75 8.13 4.97
H3' ATP B . -16.07 5.44 3.74
HO3' ATP B . -17.34 5.42 5.84
H2' ATP B . -18.36 5.80 3.39
HO2' ATP B . -18.75 6.62 5.49
H1' ATP B . -18.31 8.50 2.91
H8 ATP B . -15.71 6.42 1.15
HN61 ATP B . -19.53 5.95 -3.62
HN62 ATP B . -17.93 5.63 -2.99
H2 ATP B . -21.75 7.97 -0.26
PG ATP C . -5.25 -22.48 10.45
O1G ATP C . -4.12 -21.81 11.18
O2G ATP C . -5.71 -21.74 9.22
O3G ATP C . -5.06 -23.97 10.25
PB ATP C . -7.82 -23.28 11.42
O1B ATP C . -8.17 -23.66 12.83
O2B ATP C . -7.63 -24.35 10.37
O3B ATP C . -6.49 -22.34 11.47
PA ATP C . -10.31 -22.74 10.26
O1A ATP C . -10.33 -24.25 10.28
O2A ATP C . -11.44 -21.92 10.83
O3A ATP C . -8.93 -22.23 10.91
O5' ATP C . -10.05 -22.28 8.74
C5' ATP C . -9.58 -23.21 7.77
C4' ATP C . -9.08 -22.44 6.56
O4' ATP C . -10.12 -21.58 6.07
C3' ATP C . -7.88 -21.56 6.87
O3' ATP C . -6.67 -22.16 6.40
C2' ATP C . -8.14 -20.25 6.17
O2' ATP C . -7.27 -20.12 5.05
C1' ATP C . -9.60 -20.29 5.72
N9 ATP C . -10.35 -19.23 6.42
C8 ATP C . -11.20 -19.39 7.46
N7 ATP C . -11.73 -18.20 7.86
C5 ATP C . -11.22 -17.25 7.06
C6 ATP C . -11.36 -15.77 6.93
N6 ATP C . -12.17 -15.09 7.77
N1 ATP C . -10.65 -15.16 5.97
C2 ATP C . -9.83 -15.84 5.13
N3 ATP C . -9.67 -17.17 5.19
C4 ATP C . -10.31 -17.93 6.11
H5'1 ATP C . -10.39 -23.88 7.47
H5'2 ATP C . -8.76 -23.80 8.18
H4' ATP C . -8.80 -23.15 5.77
H3' ATP C . -7.83 -21.39 7.96
HO3' ATP C . -5.93 -21.59 6.62
H2' ATP C . -8.00 -19.42 6.87
HO2' ATP C . -6.35 -20.13 5.35
H1' ATP C . -9.64 -20.15 4.63
H8 ATP C . -11.43 -20.35 7.92
HN61 ATP C . -12.25 -14.07 7.67
HN62 ATP C . -12.69 -15.56 8.49
H2 ATP C . -9.30 -15.29 4.37
CA CA D . -12.24 2.82 4.83
CA CA E . -8.96 2.81 2.80
#